data_7Q7V
#
_entry.id   7Q7V
#
_cell.length_a   67.307
_cell.length_b   67.307
_cell.length_c   166.807
_cell.angle_alpha   90.000
_cell.angle_beta   90.000
_cell.angle_gamma   120.000
#
_symmetry.space_group_name_H-M   'P 61 2 2'
#
loop_
_entity.id
_entity.type
_entity.pdbx_description
1 polymer 'B-cell lymphoma 6 protein'
2 non-polymer 2-chloranyl-4-[[(2R)-2-cyclopropyl-7-methyl-6-oxidanylidene-1,2,3,4-tetrahydro-[1,4]oxazepino[2,3-c]quinolin-10-yl]amino]pyridine-3-carbonitrile
3 non-polymer 1,2-ETHANEDIOL
4 non-polymer 'DIMETHYL SULFOXIDE'
5 water water
#
_entity_poly.entity_id   1
_entity_poly.type   'polypeptide(L)'
_entity_poly.pdbx_seq_one_letter_code
;GPGLDYKDDDDKENLYFQGADSCIQFTRHASDVLLNLNRLRSRDILTDVVIVVSREQFRAHKTVLMACSGLFYSIFTDQL
KCNLSVINLDPEINPEGFCILLDFMYTSRLNLREGNIMAVMATAMYLQMEHVVDTCRKFIKASE
;
_entity_poly.pdbx_strand_id   A
#
loop_
_chem_comp.id
_chem_comp.type
_chem_comp.name
_chem_comp.formula
9GR non-polymer 2-chloranyl-4-[[(2R)-2-cyclopropyl-7-methyl-6-oxidanylidene-1,2,3,4-tetrahydro-[1,4]oxazepino[2,3-c]quinolin-10-yl]amino]pyridine-3-carbonitrile 'C22 H20 Cl N5 O2'
DMS non-polymer 'DIMETHYL SULFOXIDE' 'C2 H6 O S'
EDO non-polymer 1,2-ETHANEDIOL 'C2 H6 O2'
#
# COMPACT_ATOMS: atom_id res chain seq x y z
N ASN A 14 3.78 -16.31 25.71
CA ASN A 14 2.55 -16.41 24.90
C ASN A 14 2.58 -15.41 23.74
N LEU A 15 3.10 -14.21 23.99
CA LEU A 15 3.23 -13.21 22.92
C LEU A 15 4.59 -13.36 22.18
N TYR A 16 5.43 -14.35 22.56
CA TYR A 16 6.73 -14.53 21.95
C TYR A 16 7.06 -16.02 21.79
N PHE A 17 8.07 -16.31 20.97
CA PHE A 17 8.48 -17.69 20.73
C PHE A 17 9.96 -17.77 20.35
N GLN A 18 10.52 -18.98 20.38
N GLN A 18 10.52 -18.98 20.38
CA GLN A 18 11.90 -19.17 19.97
CA GLN A 18 11.92 -19.19 19.98
C GLN A 18 11.92 -19.23 18.45
C GLN A 18 11.95 -19.24 18.46
N GLY A 19 12.64 -18.30 17.85
CA GLY A 19 12.75 -18.19 16.41
C GLY A 19 13.65 -19.29 15.94
N ALA A 20 13.67 -19.54 14.65
CA ALA A 20 14.51 -20.57 14.10
C ALA A 20 15.94 -20.23 14.47
N ASP A 21 16.26 -18.94 14.48
CA ASP A 21 17.59 -18.46 14.86
C ASP A 21 17.62 -18.34 16.39
N SER A 22 18.69 -17.80 16.94
CA SER A 22 18.78 -17.67 18.39
C SER A 22 17.75 -16.75 19.10
N CYS A 23 17.37 -15.66 18.46
CA CYS A 23 16.46 -14.68 19.05
C CYS A 23 15.06 -15.11 19.41
N ILE A 24 14.49 -14.47 20.43
CA ILE A 24 13.09 -14.69 20.73
C ILE A 24 12.36 -13.72 19.77
N GLN A 25 11.18 -14.09 19.33
CA GLN A 25 10.46 -13.29 18.34
C GLN A 25 9.07 -13.02 18.85
N PHE A 26 8.57 -11.82 18.62
CA PHE A 26 7.27 -11.41 19.12
C PHE A 26 6.28 -11.54 17.97
N THR A 27 5.32 -12.42 18.13
CA THR A 27 4.33 -12.82 17.13
C THR A 27 3.55 -11.66 16.49
N ARG A 28 3.05 -10.75 17.31
CA ARG A 28 2.19 -9.67 16.81
C ARG A 28 2.93 -8.39 16.53
N HIS A 29 4.26 -8.34 16.71
CA HIS A 29 5.01 -7.09 16.55
C HIS A 29 4.79 -6.39 15.23
N ALA A 30 4.98 -7.10 14.10
CA ALA A 30 4.87 -6.45 12.79
C ALA A 30 3.47 -5.93 12.50
N SER A 31 2.44 -6.71 12.84
CA SER A 31 1.06 -6.24 12.62
C SER A 31 0.71 -5.05 13.55
N ASP A 32 1.26 -5.04 14.79
CA ASP A 32 1.00 -3.92 15.73
C ASP A 32 1.74 -2.66 15.27
N VAL A 33 2.93 -2.81 14.67
CA VAL A 33 3.66 -1.63 14.13
C VAL A 33 2.84 -1.03 13.00
N LEU A 34 2.33 -1.86 12.11
CA LEU A 34 1.52 -1.40 10.97
C LEU A 34 0.25 -0.73 11.46
N LEU A 35 -0.36 -1.26 12.54
CA LEU A 35 -1.56 -0.62 13.11
C LEU A 35 -1.23 0.79 13.60
N ASN A 36 -0.08 0.97 14.23
CA ASN A 36 0.34 2.29 14.73
C ASN A 36 0.67 3.22 13.61
N LEU A 37 1.29 2.72 12.51
CA LEU A 37 1.55 3.58 11.35
C LEU A 37 0.22 4.00 10.70
N ASN A 38 -0.80 3.13 10.71
CA ASN A 38 -2.11 3.52 10.15
C ASN A 38 -2.79 4.56 11.06
N ARG A 39 -2.58 4.47 12.39
CA ARG A 39 -3.11 5.45 13.36
C ARG A 39 -2.45 6.80 13.12
N LEU A 40 -1.12 6.83 12.88
CA LEU A 40 -0.42 8.07 12.54
C LEU A 40 -1.01 8.67 11.25
N ARG A 41 -1.25 7.85 10.24
CA ARG A 41 -1.85 8.32 8.98
C ARG A 41 -3.24 8.91 9.21
N SER A 42 -4.10 8.23 9.99
N SER A 42 -4.11 8.24 9.97
CA SER A 42 -5.46 8.68 10.32
CA SER A 42 -5.45 8.75 10.24
C SER A 42 -5.43 10.05 11.01
C SER A 42 -5.41 10.10 10.97
N ARG A 43 -4.43 10.28 11.86
CA ARG A 43 -4.28 11.54 12.58
C ARG A 43 -3.40 12.58 11.87
N ASP A 44 -2.88 12.23 10.67
CA ASP A 44 -2.02 13.09 9.87
C ASP A 44 -0.73 13.45 10.61
N ILE A 45 -0.13 12.47 11.30
CA ILE A 45 1.12 12.72 12.05
C ILE A 45 2.32 12.22 11.26
N LEU A 46 3.29 13.11 11.02
CA LEU A 46 4.52 12.86 10.30
C LEU A 46 4.33 12.36 8.87
N THR A 47 3.14 12.62 8.28
CA THR A 47 2.91 12.30 6.88
C THR A 47 3.77 13.30 6.09
N ASP A 48 4.45 12.84 5.04
CA ASP A 48 5.39 13.68 4.34
C ASP A 48 5.17 13.78 2.85
N VAL A 49 4.04 13.26 2.34
CA VAL A 49 3.74 13.37 0.92
C VAL A 49 2.23 13.41 0.71
N VAL A 50 1.81 14.06 -0.36
CA VAL A 50 0.43 14.04 -0.79
C VAL A 50 0.45 13.34 -2.14
N ILE A 51 -0.37 12.32 -2.32
CA ILE A 51 -0.49 11.65 -3.62
C ILE A 51 -1.77 12.21 -4.22
N VAL A 52 -1.69 12.75 -5.42
CA VAL A 52 -2.86 13.30 -6.08
C VAL A 52 -3.31 12.39 -7.19
N VAL A 53 -4.56 11.97 -7.13
CA VAL A 53 -5.10 11.11 -8.14
C VAL A 53 -6.34 11.82 -8.64
N SER A 54 -6.27 12.35 -9.85
CA SER A 54 -7.38 13.09 -10.40
C SER A 54 -7.69 14.25 -9.46
N ARG A 55 -8.92 14.35 -8.99
CA ARG A 55 -9.30 15.43 -8.12
C ARG A 55 -9.09 15.13 -6.63
N GLU A 56 -8.56 13.97 -6.27
CA GLU A 56 -8.41 13.63 -4.87
C GLU A 56 -6.98 13.62 -4.37
N GLN A 57 -6.81 13.93 -3.09
CA GLN A 57 -5.51 13.97 -2.45
C GLN A 57 -5.48 12.94 -1.32
N PHE A 58 -4.35 12.26 -1.17
CA PHE A 58 -4.19 11.25 -0.13
C PHE A 58 -2.86 11.53 0.58
N ARG A 59 -2.86 11.77 1.88
CA ARG A 59 -1.63 11.98 2.63
C ARG A 59 -1.11 10.64 3.12
N ALA A 60 0.21 10.47 3.07
CA ALA A 60 0.81 9.18 3.46
C ALA A 60 2.27 9.39 3.93
N HIS A 61 2.94 8.32 4.36
CA HIS A 61 4.33 8.35 4.74
C HIS A 61 5.08 7.72 3.56
N LYS A 62 6.13 8.41 3.04
CA LYS A 62 6.88 7.88 1.91
C LYS A 62 7.46 6.50 2.18
N THR A 63 7.94 6.26 3.41
CA THR A 63 8.51 4.95 3.74
C THR A 63 7.51 3.81 3.59
N VAL A 64 6.25 4.00 4.00
CA VAL A 64 5.23 2.97 3.84
C VAL A 64 4.92 2.77 2.36
N LEU A 65 4.81 3.85 1.60
CA LEU A 65 4.54 3.74 0.15
C LEU A 65 5.65 2.97 -0.59
N MET A 66 6.93 3.27 -0.31
CA MET A 66 8.07 2.58 -0.91
C MET A 66 8.09 1.12 -0.52
N ALA A 67 7.80 0.83 0.74
CA ALA A 67 7.77 -0.55 1.25
C ALA A 67 6.69 -1.38 0.59
N CYS A 68 5.63 -0.73 0.04
CA CYS A 68 4.49 -1.43 -0.54
C CYS A 68 4.32 -1.29 -2.02
N SER A 69 5.27 -0.73 -2.77
CA SER A 69 5.03 -0.52 -4.20
C SER A 69 6.33 -0.33 -4.94
N GLY A 70 6.49 -1.04 -6.07
CA GLY A 70 7.69 -0.87 -6.88
C GLY A 70 7.76 0.52 -7.51
N LEU A 71 6.59 1.13 -7.83
CA LEU A 71 6.60 2.47 -8.42
C LEU A 71 7.07 3.48 -7.40
N PHE A 72 6.50 3.44 -6.17
CA PHE A 72 6.93 4.40 -5.15
C PHE A 72 8.34 4.15 -4.70
N TYR A 73 8.80 2.89 -4.67
CA TYR A 73 10.20 2.58 -4.35
C TYR A 73 11.13 3.29 -5.38
N SER A 74 10.77 3.21 -6.67
N SER A 74 10.77 3.21 -6.68
CA SER A 74 11.55 3.85 -7.72
CA SER A 74 11.54 3.85 -7.75
C SER A 74 11.52 5.37 -7.60
C SER A 74 11.52 5.37 -7.60
N ILE A 75 10.35 5.95 -7.31
CA ILE A 75 10.22 7.40 -7.17
C ILE A 75 11.02 7.94 -5.98
N PHE A 76 10.81 7.38 -4.79
CA PHE A 76 11.41 7.94 -3.60
C PHE A 76 12.91 7.58 -3.44
N THR A 77 13.47 6.70 -4.31
CA THR A 77 14.92 6.46 -4.28
C THR A 77 15.63 7.30 -5.38
N ASP A 78 14.87 8.07 -6.18
CA ASP A 78 15.42 8.94 -7.20
C ASP A 78 15.89 10.21 -6.51
N GLN A 79 17.12 10.65 -6.79
CA GLN A 79 17.69 11.82 -6.12
C GLN A 79 16.93 13.11 -6.30
N LEU A 80 16.20 13.24 -7.41
CA LEU A 80 15.44 14.45 -7.67
C LEU A 80 14.04 14.34 -7.07
N LYS A 81 13.39 13.19 -7.23
CA LYS A 81 12.01 13.02 -6.78
C LYS A 81 11.83 12.72 -5.31
N CYS A 82 12.87 12.22 -4.62
CA CYS A 82 12.75 11.91 -3.20
C CYS A 82 12.38 13.12 -2.34
N ASN A 83 12.68 14.33 -2.82
CA ASN A 83 12.39 15.54 -2.07
C ASN A 83 11.05 16.18 -2.42
N LEU A 84 10.27 15.59 -3.33
CA LEU A 84 8.97 16.16 -3.69
C LEU A 84 7.95 15.91 -2.59
N SER A 85 7.14 16.92 -2.25
CA SER A 85 6.08 16.80 -1.25
C SER A 85 4.73 16.41 -1.89
N VAL A 86 4.61 16.53 -3.22
CA VAL A 86 3.37 16.22 -3.91
C VAL A 86 3.73 15.32 -5.09
N ILE A 87 3.05 14.19 -5.22
CA ILE A 87 3.28 13.29 -6.35
C ILE A 87 1.96 13.16 -7.10
N ASN A 88 1.95 13.47 -8.40
CA ASN A 88 0.73 13.36 -9.20
C ASN A 88 0.75 12.04 -9.97
N LEU A 89 -0.26 11.20 -9.77
CA LEU A 89 -0.35 9.93 -10.50
C LEU A 89 -1.05 10.14 -11.86
N ASP A 90 -0.94 9.13 -12.74
CA ASP A 90 -1.57 9.14 -14.06
C ASP A 90 -3.07 9.44 -13.94
N PRO A 91 -3.59 10.46 -14.65
CA PRO A 91 -5.02 10.79 -14.51
C PRO A 91 -5.98 9.67 -14.84
N GLU A 92 -5.52 8.60 -15.51
CA GLU A 92 -6.37 7.44 -15.79
C GLU A 92 -6.58 6.54 -14.56
N ILE A 93 -5.77 6.73 -13.50
CA ILE A 93 -5.92 5.95 -12.29
C ILE A 93 -7.19 6.32 -11.55
N ASN A 94 -8.00 5.33 -11.16
CA ASN A 94 -9.24 5.56 -10.45
C ASN A 94 -8.92 5.84 -8.99
N PRO A 95 -9.41 6.96 -8.44
CA PRO A 95 -9.11 7.28 -7.01
C PRO A 95 -9.63 6.24 -6.04
N GLU A 96 -10.81 5.62 -6.30
CA GLU A 96 -11.33 4.59 -5.38
C GLU A 96 -10.38 3.38 -5.35
N GLY A 97 -9.88 2.99 -6.52
CA GLY A 97 -8.91 1.91 -6.65
C GLY A 97 -7.64 2.23 -5.90
N PHE A 98 -7.14 3.48 -5.99
CA PHE A 98 -5.94 3.89 -5.25
C PHE A 98 -6.22 3.88 -3.74
N CYS A 99 -7.38 4.35 -3.33
CA CYS A 99 -7.77 4.39 -1.92
C CYS A 99 -7.82 2.98 -1.30
N ILE A 100 -8.37 2.01 -2.05
CA ILE A 100 -8.43 0.63 -1.59
C ILE A 100 -7.01 0.06 -1.41
N LEU A 101 -6.11 0.37 -2.36
CA LEU A 101 -4.72 -0.14 -2.26
C LEU A 101 -3.92 0.58 -1.19
N LEU A 102 -4.20 1.88 -0.98
CA LEU A 102 -3.53 2.61 0.10
C LEU A 102 -3.96 2.05 1.45
N ASP A 103 -5.24 1.74 1.63
CA ASP A 103 -5.73 1.11 2.87
C ASP A 103 -5.08 -0.26 3.04
N PHE A 104 -4.96 -1.04 1.97
CA PHE A 104 -4.28 -2.35 2.03
C PHE A 104 -2.83 -2.19 2.50
N MET A 105 -2.09 -1.20 1.98
CA MET A 105 -0.70 -0.97 2.40
C MET A 105 -0.57 -0.85 3.90
N TYR A 106 -1.49 -0.10 4.51
CA TYR A 106 -1.44 0.17 5.93
C TYR A 106 -2.16 -0.82 6.81
N THR A 107 -2.83 -1.84 6.22
CA THR A 107 -3.61 -2.78 7.06
C THR A 107 -3.44 -4.25 6.76
N SER A 108 -2.96 -4.61 5.57
CA SER A 108 -2.90 -6.00 5.06
C SER A 108 -4.25 -6.49 4.52
N ARG A 109 -5.30 -5.66 4.58
CA ARG A 109 -6.63 -6.06 4.18
C ARG A 109 -7.02 -5.38 2.88
N LEU A 110 -7.47 -6.17 1.93
CA LEU A 110 -7.82 -5.70 0.60
C LEU A 110 -9.33 -5.82 0.38
N ASN A 111 -10.01 -4.69 0.26
CA ASN A 111 -11.45 -4.66 0.07
C ASN A 111 -11.80 -4.90 -1.40
N LEU A 112 -11.62 -6.12 -1.87
N LEU A 112 -11.61 -6.10 -1.88
CA LEU A 112 -11.91 -6.48 -3.24
CA LEU A 112 -11.90 -6.45 -3.26
C LEU A 112 -13.39 -6.80 -3.41
C LEU A 112 -13.37 -6.82 -3.43
N ARG A 113 -14.01 -6.22 -4.42
CA ARG A 113 -15.43 -6.46 -4.71
C ARG A 113 -15.64 -6.49 -6.22
N GLU A 114 -16.78 -7.06 -6.68
CA GLU A 114 -17.09 -7.11 -8.10
C GLU A 114 -17.04 -5.72 -8.78
N GLY A 115 -17.55 -4.71 -8.07
CA GLY A 115 -17.58 -3.34 -8.59
C GLY A 115 -16.28 -2.57 -8.60
N ASN A 116 -15.23 -3.09 -7.93
CA ASN A 116 -13.95 -2.39 -7.90
C ASN A 116 -12.76 -3.20 -8.41
N ILE A 117 -12.91 -4.51 -8.62
CA ILE A 117 -11.77 -5.37 -8.97
C ILE A 117 -10.99 -4.93 -10.23
N MET A 118 -11.67 -4.45 -11.29
CA MET A 118 -10.92 -4.00 -12.48
C MET A 118 -10.10 -2.76 -12.18
N ALA A 119 -10.65 -1.79 -11.42
CA ALA A 119 -9.88 -0.58 -11.09
C ALA A 119 -8.75 -0.90 -10.12
N VAL A 120 -8.98 -1.83 -9.19
CA VAL A 120 -7.93 -2.21 -8.23
C VAL A 120 -6.82 -2.92 -8.97
N MET A 121 -7.16 -3.81 -9.92
CA MET A 121 -6.14 -4.53 -10.66
C MET A 121 -5.31 -3.57 -11.53
N ALA A 122 -5.97 -2.65 -12.23
CA ALA A 122 -5.23 -1.71 -13.10
C ALA A 122 -4.32 -0.80 -12.26
N THR A 123 -4.79 -0.38 -11.08
CA THR A 123 -3.98 0.50 -10.22
C THR A 123 -2.81 -0.29 -9.64
N ALA A 124 -3.02 -1.58 -9.28
CA ALA A 124 -1.92 -2.40 -8.73
C ALA A 124 -0.86 -2.68 -9.80
N MET A 125 -1.26 -2.77 -11.09
CA MET A 125 -0.29 -2.95 -12.18
C MET A 125 0.60 -1.72 -12.28
N TYR A 126 -0.04 -0.56 -12.28
CA TYR A 126 0.65 0.72 -12.36
C TYR A 126 1.58 0.95 -11.17
N LEU A 127 1.13 0.60 -9.96
CA LEU A 127 1.93 0.78 -8.75
C LEU A 127 2.93 -0.33 -8.51
N GLN A 128 2.91 -1.34 -9.36
CA GLN A 128 3.79 -2.46 -9.21
C GLN A 128 3.64 -3.23 -7.89
N MET A 129 2.43 -3.70 -7.65
CA MET A 129 2.12 -4.52 -6.50
C MET A 129 1.71 -5.80 -7.20
N GLU A 130 2.69 -6.65 -7.45
CA GLU A 130 2.52 -7.87 -8.27
C GLU A 130 1.67 -9.01 -7.67
N HIS A 131 1.78 -9.36 -6.39
CA HIS A 131 0.91 -10.40 -5.81
C HIS A 131 -0.54 -9.92 -5.77
N VAL A 132 -0.78 -8.61 -5.61
CA VAL A 132 -2.16 -8.07 -5.66
C VAL A 132 -2.71 -8.26 -7.08
N VAL A 133 -1.89 -8.01 -8.12
CA VAL A 133 -2.35 -8.21 -9.50
C VAL A 133 -2.70 -9.68 -9.74
N ASP A 134 -1.82 -10.60 -9.28
CA ASP A 134 -2.03 -12.04 -9.42
C ASP A 134 -3.29 -12.47 -8.72
N THR A 135 -3.57 -11.90 -7.54
CA THR A 135 -4.79 -12.25 -6.80
C THR A 135 -6.00 -11.78 -7.54
N CYS A 136 -5.97 -10.54 -8.07
CA CYS A 136 -7.10 -9.99 -8.85
C CYS A 136 -7.40 -10.86 -10.05
N ARG A 137 -6.35 -11.33 -10.70
N ARG A 137 -6.34 -11.32 -10.70
CA ARG A 137 -6.51 -12.16 -11.88
CA ARG A 137 -6.48 -12.14 -11.88
C ARG A 137 -7.19 -13.46 -11.56
C ARG A 137 -7.15 -13.47 -11.57
N LYS A 138 -6.80 -14.06 -10.44
CA LYS A 138 -7.39 -15.33 -10.01
C LYS A 138 -8.90 -15.18 -9.71
N PHE A 139 -9.28 -14.09 -9.04
CA PHE A 139 -10.69 -13.85 -8.74
C PHE A 139 -11.49 -13.59 -10.01
N ILE A 140 -10.91 -12.87 -10.97
CA ILE A 140 -11.56 -12.60 -12.25
C ILE A 140 -11.76 -13.90 -13.01
N LYS A 141 -10.72 -14.75 -13.05
CA LYS A 141 -10.76 -16.05 -13.74
C LYS A 141 -11.85 -16.97 -13.18
N ALA A 142 -12.11 -16.93 -11.86
CA ALA A 142 -13.14 -17.78 -11.25
C ALA A 142 -14.57 -17.43 -11.72
N SER A 143 -14.79 -16.19 -12.17
CA SER A 143 -16.09 -15.75 -12.68
C SER A 143 -16.28 -16.25 -14.12
N GLU A 144 -15.22 -16.24 -14.92
CA GLU A 144 -15.27 -16.71 -16.29
C GLU A 144 -15.20 -18.23 -16.30
C16 9GR B . 7.32 -5.27 -6.95
C21 9GR B . 13.13 -3.88 -2.00
C20 9GR B . 11.85 -3.54 -2.37
C19 9GR B . 9.58 -2.90 -4.32
C18 9GR B . 8.80 -3.64 -5.17
C17 9GR B . 7.62 -4.23 -4.72
N2 9GR B . 5.71 -4.58 -1.67
C15 9GR B . 5.66 -5.62 -5.21
C14 9GR B . 5.27 -5.37 -3.87
N1 9GR B . 10.01 -2.05 -2.09
C13 9GR B . 3.15 -4.94 -2.90
C12 9GR B . 3.28 -5.03 -1.40
C11 9GR B . 4.82 -6.31 1.41
C10 9GR B . 6.14 -5.71 1.09
C9 9GR B . 4.91 -5.15 0.47
O1 9GR B . 5.05 -6.35 -5.98
C8 9GR B . 4.67 -5.36 -1.00
C1 9GR B . 12.01 -1.72 -0.82
O 9GR B . 4.04 -5.87 -3.58
C 9GR B . 13.30 -2.15 -0.57
C7 9GR B . 5.99 -4.65 -2.96
C2 9GR B . 11.43 -0.62 -0.13
N 9GR B . 10.99 0.25 0.47
C6 9GR B . 7.22 -4.05 -3.39
C5 9GR B . 8.03 -3.29 -2.54
C4 9GR B . 9.20 -2.73 -2.99
C3 9GR B . 11.26 -2.44 -1.77
N3 9GR B . 6.85 -5.03 -5.59
N4 9GR B . 13.86 -3.21 -1.11
CL 9GR B . 14.26 -1.27 0.52
C1 EDO C . 10.33 -18.91 24.15
O1 EDO C . 9.16 -19.10 24.94
C2 EDO C . 11.56 -19.38 24.96
O2 EDO C . 12.71 -18.67 24.52
C1 EDO D . -15.36 -8.65 -13.56
O1 EDO D . -14.68 -9.75 -12.97
C2 EDO D . -16.04 -7.84 -12.45
O2 EDO D . -16.82 -6.80 -13.01
S DMS E . -11.71 7.95 -2.90
O DMS E . -11.50 8.51 -1.55
C1 DMS E . -13.02 6.79 -2.68
C2 DMS E . -12.60 9.21 -3.76
#